data_3Q6B
#
_entry.id   3Q6B
#
_cell.length_a   137.530
_cell.length_b   39.005
_cell.length_c   32.561
_cell.angle_alpha   90.00
_cell.angle_beta   101.00
_cell.angle_gamma   90.00
#
_symmetry.space_group_name_H-M   'C 1 2 1'
#
loop_
_entity.id
_entity.type
_entity.pdbx_description
1 polymer 'Outer membrane protein assembly complex, YaeT protein'
2 water water
#
_entity_poly.entity_id   1
_entity_poly.type   'polypeptide(L)'
_entity_poly.pdbx_seq_one_letter_code
;MGSSHHHHHHSSGENLYFEGSHMASMTGGQQMGRYKLSGVEVSGNLAGHSAEIEQLTKIEPGELYNGTKVTKMEDDIKKL
LGRYGYAYPRVQSMPEINDADKTVKLRVNVDAGNRFYVRKIRFEGNDTSKDAVLRREMRQMEGAWLGSDLVDQGKERLNR
LGFFETVDTDTQRVPGSPDQVDVVYKVKE
;
_entity_poly.pdbx_strand_id   A
#
# COMPACT_ATOMS: atom_id res chain seq x y z
N TYR A 35 25.48 16.20 -4.55
CA TYR A 35 24.27 16.91 -4.98
C TYR A 35 23.32 17.17 -3.82
N LYS A 36 22.87 18.41 -3.69
CA LYS A 36 21.88 18.78 -2.68
C LYS A 36 20.46 18.76 -3.26
N LEU A 37 19.48 18.45 -2.42
CA LEU A 37 18.08 18.54 -2.83
C LEU A 37 17.58 19.97 -2.67
N SER A 38 17.09 20.56 -3.76
CA SER A 38 16.52 21.90 -3.72
C SER A 38 15.04 21.85 -3.38
N GLY A 39 14.40 20.72 -3.67
CA GLY A 39 12.98 20.56 -3.39
C GLY A 39 12.36 19.34 -4.03
N VAL A 40 11.10 19.09 -3.67
CA VAL A 40 10.36 17.96 -4.22
C VAL A 40 9.00 18.44 -4.70
N GLU A 41 8.72 18.22 -5.98
CA GLU A 41 7.45 18.65 -6.56
C GLU A 41 6.60 17.44 -6.94
N VAL A 42 5.45 17.33 -6.30
CA VAL A 42 4.56 16.20 -6.55
C VAL A 42 3.43 16.60 -7.49
N SER A 43 3.13 15.73 -8.45
CA SER A 43 2.04 15.98 -9.37
C SER A 43 1.36 14.66 -9.75
N GLY A 44 0.21 14.77 -10.40
CA GLY A 44 -0.52 13.60 -10.85
C GLY A 44 -1.90 13.49 -10.23
N ASN A 45 -2.43 12.26 -10.21
CA ASN A 45 -3.71 12.01 -9.58
C ASN A 45 -3.49 11.51 -8.15
N LEU A 46 -3.68 12.40 -7.19
CA LEU A 46 -3.37 12.11 -5.79
C LEU A 46 -4.62 11.72 -5.00
N ALA A 47 -5.75 11.67 -5.68
CA ALA A 47 -6.98 11.14 -5.10
C ALA A 47 -7.40 11.86 -3.81
N GLY A 48 -7.08 13.14 -3.70
CA GLY A 48 -7.48 13.93 -2.54
C GLY A 48 -6.49 13.90 -1.39
N HIS A 49 -5.35 13.26 -1.60
CA HIS A 49 -4.38 13.11 -0.50
C HIS A 49 -3.11 13.94 -0.69
N SER A 50 -3.23 15.05 -1.40
CA SER A 50 -2.08 15.91 -1.64
C SER A 50 -1.43 16.38 -0.33
N ALA A 51 -2.25 16.80 0.63
CA ALA A 51 -1.73 17.31 1.90
C ALA A 51 -0.84 16.31 2.63
N GLU A 52 -1.30 15.06 2.74
CA GLU A 52 -0.53 14.01 3.40
CA GLU A 52 -0.53 14.04 3.43
C GLU A 52 0.72 13.68 2.61
N ILE A 53 0.57 13.59 1.29
CA ILE A 53 1.69 13.23 0.43
C ILE A 53 2.78 14.29 0.46
N GLU A 54 2.37 15.56 0.49
CA GLU A 54 3.32 16.66 0.61
C GLU A 54 4.15 16.50 1.88
N GLN A 55 3.52 16.13 2.98
CA GLN A 55 4.27 15.95 4.23
C GLN A 55 5.21 14.75 4.17
N LEU A 56 4.82 13.70 3.45
CA LEU A 56 5.66 12.50 3.33
C LEU A 56 6.92 12.78 2.52
N THR A 57 6.89 13.84 1.71
CA THR A 57 8.02 14.18 0.85
C THR A 57 8.78 15.39 1.38
N LYS A 58 8.53 15.75 2.63
CA LYS A 58 9.21 16.87 3.27
C LYS A 58 10.72 16.63 3.33
N ILE A 59 11.50 17.64 2.95
CA ILE A 59 12.95 17.53 3.03
C ILE A 59 13.52 18.53 4.02
N GLU A 60 14.66 18.18 4.59
CA GLU A 60 15.30 19.03 5.59
C GLU A 60 16.22 20.03 4.92
N PRO A 61 16.43 21.18 5.58
CA PRO A 61 17.37 22.18 5.07
C PRO A 61 18.76 21.58 4.86
N GLY A 62 19.29 21.73 3.65
CA GLY A 62 20.63 21.25 3.35
C GLY A 62 20.73 19.77 3.09
N GLU A 63 19.60 19.11 2.92
CA GLU A 63 19.58 17.66 2.68
C GLU A 63 20.20 17.30 1.34
N LEU A 64 20.98 16.23 1.33
CA LEU A 64 21.64 15.77 0.12
C LEU A 64 20.75 14.79 -0.64
N TYR A 65 20.90 14.76 -1.96
CA TYR A 65 20.17 13.79 -2.78
C TYR A 65 20.63 12.38 -2.42
N ASN A 66 19.65 11.49 -2.28
CA ASN A 66 19.91 10.08 -2.02
C ASN A 66 18.83 9.20 -2.64
N GLY A 67 19.25 8.32 -3.53
CA GLY A 67 18.33 7.46 -4.26
C GLY A 67 17.52 6.53 -3.40
N THR A 68 18.12 6.00 -2.33
CA THR A 68 17.36 5.09 -1.49
C THR A 68 16.30 5.84 -0.67
N LYS A 69 16.57 7.10 -0.31
CA LYS A 69 15.53 7.91 0.32
C LYS A 69 14.35 8.16 -0.63
N VAL A 70 14.64 8.36 -1.90
CA VAL A 70 13.58 8.50 -2.91
C VAL A 70 12.70 7.25 -2.96
N THR A 71 13.34 6.07 -3.03
CA THR A 71 12.60 4.82 -3.08
C THR A 71 11.70 4.63 -1.84
N LYS A 72 12.23 4.98 -0.67
CA LYS A 72 11.46 4.87 0.57
C LYS A 72 10.25 5.80 0.53
N MET A 73 10.45 7.02 0.04
CA MET A 73 9.36 7.98 -0.12
C MET A 73 8.25 7.46 -1.04
N GLU A 74 8.65 6.90 -2.18
CA GLU A 74 7.69 6.28 -3.11
C GLU A 74 6.91 5.18 -2.42
N ASP A 75 7.61 4.34 -1.68
CA ASP A 75 6.93 3.27 -0.97
C ASP A 75 5.97 3.81 0.10
N ASP A 76 6.35 4.90 0.76
CA ASP A 76 5.48 5.52 1.77
C ASP A 76 4.18 6.02 1.13
N ILE A 77 4.30 6.62 -0.05
CA ILE A 77 3.13 7.12 -0.77
C ILE A 77 2.20 5.97 -1.20
N LYS A 78 2.79 4.90 -1.74
CA LYS A 78 1.99 3.74 -2.14
C LYS A 78 1.27 3.12 -0.95
N LYS A 79 1.97 3.02 0.18
CA LYS A 79 1.38 2.45 1.38
C LYS A 79 0.20 3.30 1.86
N LEU A 80 0.36 4.62 1.83
CA LEU A 80 -0.71 5.51 2.23
C LEU A 80 -1.94 5.32 1.35
N LEU A 81 -1.73 5.34 0.04
CA LEU A 81 -2.85 5.18 -0.89
C LEU A 81 -3.58 3.86 -0.70
N GLY A 82 -2.82 2.81 -0.39
CA GLY A 82 -3.42 1.51 -0.09
C GLY A 82 -4.39 1.54 1.08
N ARG A 83 -4.15 2.41 2.06
CA ARG A 83 -5.05 2.53 3.21
CA ARG A 83 -5.04 2.51 3.21
C ARG A 83 -6.42 3.05 2.80
N TYR A 84 -6.50 3.59 1.59
CA TYR A 84 -7.75 4.18 1.10
C TYR A 84 -8.33 3.44 -0.09
N GLY A 85 -7.81 2.25 -0.37
CA GLY A 85 -8.38 1.38 -1.38
C GLY A 85 -7.73 1.43 -2.74
N TYR A 86 -6.68 2.24 -2.88
CA TYR A 86 -5.94 2.31 -4.14
C TYR A 86 -4.89 1.23 -4.13
N ALA A 87 -5.28 0.06 -4.62
CA ALA A 87 -4.48 -1.15 -4.48
C ALA A 87 -3.29 -1.19 -5.42
N TYR A 88 -3.38 -0.47 -6.53
CA TYR A 88 -2.33 -0.55 -7.55
C TYR A 88 -1.84 0.81 -8.02
N PRO A 89 -1.40 1.66 -7.08
CA PRO A 89 -0.92 2.99 -7.45
C PRO A 89 0.43 2.94 -8.14
N ARG A 90 0.69 3.94 -8.98
CA ARG A 90 1.97 4.06 -9.64
C ARG A 90 2.66 5.34 -9.19
N VAL A 91 3.96 5.24 -8.91
CA VAL A 91 4.74 6.42 -8.55
C VAL A 91 6.06 6.36 -9.30
N GLN A 92 6.40 7.46 -9.94
CA GLN A 92 7.65 7.55 -10.68
C GLN A 92 8.34 8.85 -10.33
N SER A 93 9.63 8.77 -10.03
CA SER A 93 10.39 9.94 -9.65
C SER A 93 11.40 10.25 -10.73
N MET A 94 11.66 11.54 -10.92
CA MET A 94 12.58 11.98 -11.94
C MET A 94 13.41 13.11 -11.39
N PRO A 95 14.72 12.89 -11.24
CA PRO A 95 15.60 13.97 -10.80
C PRO A 95 15.85 14.99 -11.92
N GLU A 96 15.77 16.27 -11.58
CA GLU A 96 16.21 17.34 -12.46
C GLU A 96 17.49 17.92 -11.88
N ILE A 97 18.60 17.73 -12.59
CA ILE A 97 19.90 18.15 -12.10
C ILE A 97 20.20 19.59 -12.48
N ASN A 98 20.68 20.36 -11.52
CA ASN A 98 21.12 21.74 -11.76
C ASN A 98 22.64 21.77 -11.78
N ASP A 99 23.21 21.82 -12.99
CA ASP A 99 24.65 21.74 -13.18
C ASP A 99 25.39 22.82 -12.42
N ALA A 100 24.91 24.06 -12.55
CA ALA A 100 25.59 25.21 -11.95
C ALA A 100 25.64 25.17 -10.42
N ASP A 101 24.53 24.79 -9.80
CA ASP A 101 24.41 24.82 -8.35
C ASP A 101 24.65 23.48 -7.68
N LYS A 102 24.90 22.45 -8.49
CA LYS A 102 25.03 21.10 -7.97
C LYS A 102 23.87 20.76 -7.04
N THR A 103 22.66 21.07 -7.49
CA THR A 103 21.44 20.72 -6.76
C THR A 103 20.52 19.87 -7.63
N VAL A 104 19.67 19.09 -6.98
CA VAL A 104 18.70 18.25 -7.66
C VAL A 104 17.29 18.62 -7.18
N LYS A 105 16.39 18.80 -8.14
CA LYS A 105 14.98 18.96 -7.84
C LYS A 105 14.30 17.65 -8.18
N LEU A 106 13.56 17.10 -7.22
CA LEU A 106 12.91 15.81 -7.45
C LEU A 106 11.47 16.00 -7.92
N ARG A 107 11.17 15.50 -9.12
CA ARG A 107 9.81 15.51 -9.65
C ARG A 107 9.16 14.16 -9.42
N VAL A 108 8.10 14.14 -8.62
CA VAL A 108 7.42 12.89 -8.31
C VAL A 108 6.02 12.87 -8.93
N ASN A 109 5.81 11.89 -9.81
CA ASN A 109 4.52 11.74 -10.47
C ASN A 109 3.75 10.58 -9.84
N VAL A 110 2.55 10.88 -9.35
CA VAL A 110 1.72 9.88 -8.67
C VAL A 110 0.45 9.65 -9.46
N ASP A 111 0.12 8.38 -9.68
CA ASP A 111 -1.19 8.01 -10.22
C ASP A 111 -1.83 6.99 -9.30
N ALA A 112 -2.75 7.46 -8.47
CA ALA A 112 -3.39 6.60 -7.49
C ALA A 112 -4.07 5.41 -8.14
N GLY A 113 -4.56 5.60 -9.36
CA GLY A 113 -5.25 4.54 -10.07
C GLY A 113 -6.67 4.34 -9.57
N ASN A 114 -7.23 3.17 -9.83
CA ASN A 114 -8.60 2.87 -9.43
C ASN A 114 -8.72 2.57 -7.94
N ARG A 115 -9.88 2.91 -7.38
CA ARG A 115 -10.22 2.55 -6.01
C ARG A 115 -11.02 1.25 -5.99
N PHE A 116 -10.63 0.30 -5.14
CA PHE A 116 -11.22 -1.03 -5.16
C PHE A 116 -11.96 -1.32 -3.86
N TYR A 117 -13.04 -2.09 -3.97
CA TYR A 117 -13.70 -2.61 -2.79
C TYR A 117 -13.61 -4.14 -2.76
N VAL A 118 -13.89 -4.71 -1.60
CA VAL A 118 -13.66 -6.14 -1.40
C VAL A 118 -14.91 -6.95 -1.69
N ARG A 119 -14.77 -7.94 -2.57
CA ARG A 119 -15.85 -8.87 -2.87
C ARG A 119 -15.89 -9.95 -1.77
N LYS A 120 -14.83 -10.74 -1.68
CA LYS A 120 -14.76 -11.79 -0.68
C LYS A 120 -13.42 -11.81 0.00
N ILE A 121 -13.44 -12.19 1.27
CA ILE A 121 -12.23 -12.60 1.97
C ILE A 121 -12.22 -14.12 1.97
N ARG A 122 -11.12 -14.68 1.48
CA ARG A 122 -10.95 -16.11 1.32
C ARG A 122 -9.76 -16.60 2.14
N PHE A 123 -9.90 -17.76 2.76
CA PHE A 123 -8.82 -18.42 3.46
C PHE A 123 -8.50 -19.70 2.70
N GLU A 124 -7.25 -19.87 2.32
CA GLU A 124 -6.83 -21.04 1.59
C GLU A 124 -5.71 -21.73 2.33
N GLY A 125 -5.89 -23.01 2.62
CA GLY A 125 -4.88 -23.80 3.33
C GLY A 125 -5.28 -24.19 4.74
N ASN A 126 -6.38 -23.64 5.24
CA ASN A 126 -6.85 -23.99 6.57
C ASN A 126 -7.59 -25.34 6.56
N ASP A 127 -6.86 -26.41 6.81
CA ASP A 127 -7.40 -27.77 6.77
C ASP A 127 -7.99 -28.24 8.10
N THR A 128 -7.47 -27.70 9.20
CA THR A 128 -7.87 -28.12 10.53
C THR A 128 -8.64 -27.00 11.21
N SER A 129 -8.13 -25.78 11.07
CA SER A 129 -8.77 -24.60 11.62
C SER A 129 -9.98 -24.20 10.79
N LYS A 130 -11.13 -24.18 11.42
CA LYS A 130 -12.37 -23.86 10.74
C LYS A 130 -12.41 -22.39 10.31
N ASP A 131 -13.08 -22.16 9.20
CA ASP A 131 -13.26 -20.82 8.69
C ASP A 131 -13.65 -19.79 9.77
N ALA A 132 -14.56 -20.14 10.66
CA ALA A 132 -15.09 -19.15 11.62
C ALA A 132 -14.02 -18.62 12.55
N VAL A 133 -13.04 -19.47 12.87
CA VAL A 133 -11.93 -19.09 13.74
C VAL A 133 -11.04 -18.04 13.06
N LEU A 134 -10.86 -18.16 11.75
CA LEU A 134 -10.04 -17.20 11.03
CA LEU A 134 -10.05 -17.20 11.00
C LEU A 134 -10.86 -15.93 10.75
N ARG A 135 -12.12 -16.10 10.44
CA ARG A 135 -12.95 -14.97 10.03
C ARG A 135 -13.15 -13.97 11.18
N ARG A 136 -13.19 -14.46 12.42
CA ARG A 136 -13.41 -13.52 13.53
C ARG A 136 -12.18 -12.64 13.80
N GLU A 137 -11.06 -12.93 13.13
CA GLU A 137 -9.85 -12.12 13.27
C GLU A 137 -9.78 -11.00 12.24
N MET A 138 -10.74 -10.94 11.32
CA MET A 138 -10.70 -9.96 10.24
C MET A 138 -11.08 -8.55 10.67
N ARG A 139 -10.38 -7.56 10.13
CA ARG A 139 -10.73 -6.16 10.29
C ARG A 139 -11.27 -5.53 8.99
N GLN A 140 -10.95 -6.13 7.86
CA GLN A 140 -11.54 -5.73 6.59
C GLN A 140 -12.95 -6.29 6.48
N MET A 141 -13.91 -5.44 6.11
CA MET A 141 -15.28 -5.91 5.88
C MET A 141 -15.52 -6.18 4.39
N GLU A 142 -16.23 -7.26 4.10
CA GLU A 142 -16.61 -7.56 2.73
C GLU A 142 -17.67 -6.56 2.26
N GLY A 143 -17.48 -6.01 1.07
CA GLY A 143 -18.39 -5.03 0.51
C GLY A 143 -17.87 -3.61 0.67
N ALA A 144 -16.90 -3.41 1.57
CA ALA A 144 -16.38 -2.08 1.87
C ALA A 144 -15.15 -1.79 1.02
N TRP A 145 -14.78 -0.52 0.94
CA TRP A 145 -13.53 -0.16 0.29
C TRP A 145 -12.39 -0.96 0.91
N LEU A 146 -11.46 -1.37 0.07
CA LEU A 146 -10.23 -2.00 0.53
C LEU A 146 -9.44 -1.04 1.42
N GLY A 147 -8.97 -1.57 2.54
CA GLY A 147 -8.02 -0.88 3.40
C GLY A 147 -6.86 -1.82 3.60
N SER A 148 -5.73 -1.51 2.98
CA SER A 148 -4.60 -2.43 3.04
C SER A 148 -4.12 -2.62 4.47
N ASP A 149 -4.28 -1.57 5.29
CA ASP A 149 -3.97 -1.68 6.72
C ASP A 149 -4.89 -2.68 7.45
N LEU A 150 -6.16 -2.72 7.06
CA LEU A 150 -7.09 -3.67 7.65
C LEU A 150 -6.71 -5.09 7.27
N VAL A 151 -6.30 -5.27 6.02
CA VAL A 151 -5.87 -6.56 5.54
C VAL A 151 -4.61 -7.02 6.31
N ASP A 152 -3.65 -6.10 6.46
CA ASP A 152 -2.44 -6.36 7.24
C ASP A 152 -2.75 -6.71 8.72
N GLN A 153 -3.70 -6.01 9.32
CA GLN A 153 -4.10 -6.32 10.71
C GLN A 153 -4.63 -7.74 10.83
N GLY A 154 -5.44 -8.15 9.87
CA GLY A 154 -5.92 -9.52 9.84
C GLY A 154 -4.78 -10.51 9.76
N LYS A 155 -3.80 -10.23 8.91
CA LYS A 155 -2.62 -11.09 8.83
C LYS A 155 -1.88 -11.20 10.16
N GLU A 156 -1.64 -10.05 10.81
CA GLU A 156 -0.93 -10.05 12.08
C GLU A 156 -1.71 -10.85 13.12
N ARG A 157 -3.03 -10.69 13.12
CA ARG A 157 -3.87 -11.42 14.08
C ARG A 157 -3.82 -12.92 13.85
N LEU A 158 -3.88 -13.34 12.59
CA LEU A 158 -3.76 -14.77 12.28
C LEU A 158 -2.39 -15.32 12.70
N ASN A 159 -1.34 -14.56 12.42
CA ASN A 159 0.00 -14.95 12.80
CA ASN A 159 0.01 -14.96 12.81
C ASN A 159 0.15 -15.10 14.32
N ARG A 160 -0.48 -14.21 15.07
CA ARG A 160 -0.36 -14.23 16.52
CA ARG A 160 -0.37 -14.23 16.53
C ARG A 160 -0.93 -15.53 17.11
N LEU A 161 -1.95 -16.10 16.46
CA LEU A 161 -2.61 -17.31 16.97
C LEU A 161 -1.70 -18.53 17.13
N GLY A 162 -0.69 -18.63 16.27
CA GLY A 162 0.27 -19.72 16.32
C GLY A 162 -0.25 -21.00 15.68
N PHE A 163 -1.39 -20.92 15.01
CA PHE A 163 -1.96 -22.09 14.33
C PHE A 163 -1.26 -22.39 13.01
N PHE A 164 -0.65 -21.37 12.41
CA PHE A 164 -0.09 -21.49 11.05
C PHE A 164 1.42 -21.28 11.00
N GLU A 165 2.09 -22.07 10.16
CA GLU A 165 3.51 -21.87 9.89
C GLU A 165 3.73 -20.58 9.12
N THR A 166 2.85 -20.34 8.16
CA THR A 166 2.93 -19.16 7.30
C THR A 166 1.53 -18.59 7.07
N VAL A 167 1.46 -17.27 6.97
CA VAL A 167 0.27 -16.54 6.57
C VAL A 167 0.71 -15.48 5.59
N ASP A 168 0.18 -15.54 4.38
CA ASP A 168 0.48 -14.56 3.34
C ASP A 168 -0.84 -13.97 2.86
N THR A 169 -0.79 -12.73 2.39
CA THR A 169 -1.99 -12.16 1.78
C THR A 169 -1.75 -11.84 0.31
N ASP A 170 -2.82 -12.01 -0.46
CA ASP A 170 -2.83 -11.69 -1.87
C ASP A 170 -4.11 -10.92 -2.12
N THR A 171 -3.98 -9.69 -2.55
CA THR A 171 -5.13 -8.90 -2.92
C THR A 171 -5.25 -9.04 -4.43
N GLN A 172 -6.26 -9.79 -4.88
CA GLN A 172 -6.39 -10.21 -6.29
C GLN A 172 -7.53 -9.53 -7.00
N ARG A 173 -7.31 -9.11 -8.25
CA ARG A 173 -8.40 -8.58 -9.06
CA ARG A 173 -8.43 -8.57 -9.02
C ARG A 173 -9.44 -9.67 -9.31
N VAL A 174 -10.69 -9.27 -9.49
CA VAL A 174 -11.78 -10.22 -9.75
C VAL A 174 -12.14 -10.24 -11.23
N PRO A 175 -11.98 -11.40 -11.89
CA PRO A 175 -12.35 -11.48 -13.32
C PRO A 175 -13.79 -11.03 -13.56
N GLY A 176 -13.99 -10.08 -14.49
CA GLY A 176 -15.31 -9.60 -14.83
C GLY A 176 -15.82 -8.42 -14.01
N SER A 177 -15.13 -8.10 -12.93
CA SER A 177 -15.55 -7.02 -12.03
C SER A 177 -14.41 -6.04 -11.73
N PRO A 178 -14.29 -4.99 -12.57
CA PRO A 178 -13.21 -3.99 -12.61
C PRO A 178 -12.88 -3.26 -11.30
N ASP A 179 -13.84 -3.12 -10.40
CA ASP A 179 -13.55 -2.36 -9.18
CA ASP A 179 -13.64 -2.35 -9.17
C ASP A 179 -13.53 -3.23 -7.93
N GLN A 180 -13.55 -4.55 -8.11
CA GLN A 180 -13.50 -5.49 -7.00
C GLN A 180 -12.15 -6.17 -6.85
N VAL A 181 -11.79 -6.45 -5.60
CA VAL A 181 -10.71 -7.39 -5.30
C VAL A 181 -11.22 -8.45 -4.36
N ASP A 182 -10.60 -9.64 -4.41
CA ASP A 182 -10.72 -10.60 -3.32
C ASP A 182 -9.48 -10.44 -2.47
N VAL A 183 -9.63 -10.62 -1.17
CA VAL A 183 -8.48 -10.67 -0.28
C VAL A 183 -8.31 -12.12 0.09
N VAL A 184 -7.17 -12.69 -0.28
CA VAL A 184 -6.90 -14.10 -0.05
C VAL A 184 -5.80 -14.25 0.98
N TYR A 185 -6.14 -14.87 2.11
CA TYR A 185 -5.16 -15.26 3.12
C TYR A 185 -4.74 -16.69 2.85
N LYS A 186 -3.48 -16.87 2.46
CA LYS A 186 -2.95 -18.19 2.20
C LYS A 186 -2.20 -18.63 3.45
N VAL A 187 -2.67 -19.71 4.06
CA VAL A 187 -2.09 -20.21 5.29
C VAL A 187 -1.57 -21.63 5.09
N LYS A 188 -0.57 -21.99 5.89
CA LYS A 188 -0.03 -23.34 5.89
C LYS A 188 -0.10 -23.82 7.33
N GLU A 189 -0.78 -24.94 7.56
CA GLU A 189 -0.88 -25.52 8.89
C GLU A 189 0.24 -26.53 9.16
#